data_8Q31
#
_entry.id   8Q31
#
_cell.length_a   40.220
_cell.length_b   103.750
_cell.length_c   42.110
_cell.angle_alpha   90.000
_cell.angle_beta   104.570
_cell.angle_gamma   90.000
#
_symmetry.space_group_name_H-M   'P 1 21 1'
#
loop_
_entity.id
_entity.type
_entity.pdbx_description
1 polymer 'YTH domain-containing protein 1'
2 non-polymer 9-[(2-aminophenyl)methyl]-2-chloranyl-~{N}-methyl-purin-6-amine
3 non-polymer 'SULFATE ION'
4 water water
#
_entity_poly.entity_id   1
_entity_poly.type   'polypeptide(L)'
_entity_poly.pdbx_seq_one_letter_code
;GTSKLKYVLQDARFFLIKSNNHENVSLAKAKGVWSTLPVNEKKLNLAFRSARSVILIFSVRESGKFQGFARLSSESHHGG
SPIHWVLPAGMSAKMLGGVFKIDWICRRELPFTKSAHLTNPWNEHKPVKIGRDGQEIELECGTQLCLLFPPDESIDLYQV
IHKMRH
;
_entity_poly.pdbx_strand_id   A,B
#
loop_
_chem_comp.id
_chem_comp.type
_chem_comp.name
_chem_comp.formula
IVR non-polymer 9-[(2-aminophenyl)methyl]-2-chloranyl-~{N}-methyl-purin-6-amine 'C13 H13 Cl N6'
SO4 non-polymer 'SULFATE ION' 'O4 S -2'
#
# COMPACT_ATOMS: atom_id res chain seq x y z
N GLY A 1 6.16 -0.69 2.86
CA GLY A 1 5.84 -1.12 4.21
C GLY A 1 4.61 -2.01 4.28
N THR A 2 4.26 -2.43 5.49
CA THR A 2 3.13 -3.32 5.70
C THR A 2 1.91 -2.63 6.29
N SER A 3 1.95 -1.30 6.45
CA SER A 3 0.87 -0.61 7.16
C SER A 3 -0.42 -0.60 6.34
N LYS A 4 -0.33 -0.27 5.05
CA LYS A 4 -1.53 -0.30 4.21
C LYS A 4 -2.07 -1.72 4.09
N LEU A 5 -1.18 -2.71 4.00
CA LEU A 5 -1.64 -4.10 3.94
C LEU A 5 -2.44 -4.46 5.19
N LYS A 6 -1.92 -4.12 6.37
CA LYS A 6 -2.65 -4.39 7.61
C LYS A 6 -3.99 -3.68 7.63
N TYR A 7 -4.06 -2.47 7.07
CA TYR A 7 -5.32 -1.74 7.04
C TYR A 7 -6.35 -2.48 6.18
N VAL A 8 -5.91 -2.98 5.02
CA VAL A 8 -6.81 -3.73 4.15
C VAL A 8 -7.30 -5.00 4.83
N LEU A 9 -6.42 -5.68 5.58
CA LEU A 9 -6.76 -6.94 6.23
C LEU A 9 -7.56 -6.76 7.51
N GLN A 10 -7.73 -5.53 7.98
CA GLN A 10 -8.45 -5.28 9.22
C GLN A 10 -9.90 -5.79 9.13
N ASP A 11 -10.28 -6.67 10.05
CA ASP A 11 -11.63 -7.24 10.11
C ASP A 11 -12.02 -7.97 8.83
N ALA A 12 -11.06 -8.41 8.03
CA ALA A 12 -11.38 -9.09 6.79
C ALA A 12 -11.85 -10.52 7.06
N ARG A 13 -12.45 -11.12 6.04
CA ARG A 13 -12.66 -12.56 5.99
C ARG A 13 -11.74 -13.19 4.95
N PHE A 14 -11.36 -14.43 5.19
CA PHE A 14 -10.34 -15.12 4.38
C PHE A 14 -10.89 -16.46 3.94
N PHE A 15 -10.68 -16.81 2.67
CA PHE A 15 -11.08 -18.11 2.14
C PHE A 15 -9.94 -18.73 1.36
N LEU A 16 -9.73 -20.02 1.56
CA LEU A 16 -8.77 -20.79 0.79
C LEU A 16 -9.38 -21.16 -0.56
N ILE A 17 -8.66 -20.85 -1.64
CA ILE A 17 -9.06 -21.24 -2.99
C ILE A 17 -8.08 -22.30 -3.48
N LYS A 18 -8.58 -23.46 -3.86
CA LYS A 18 -7.75 -24.56 -4.34
C LYS A 18 -8.04 -24.76 -5.82
N SER A 19 -7.07 -24.44 -6.68
CA SER A 19 -7.22 -24.58 -8.11
C SER A 19 -6.55 -25.87 -8.58
N ASN A 20 -7.16 -26.52 -9.56
CA ASN A 20 -6.61 -27.78 -10.06
C ASN A 20 -5.41 -27.58 -11.00
N ASN A 21 -5.23 -26.40 -11.57
CA ASN A 21 -4.13 -26.17 -12.49
C ASN A 21 -3.57 -24.75 -12.33
N HIS A 22 -2.36 -24.57 -12.84
CA HIS A 22 -1.70 -23.27 -12.79
C HIS A 22 -2.30 -22.29 -13.77
N GLU A 23 -2.86 -22.79 -14.89
CA GLU A 23 -3.29 -21.90 -15.96
C GLU A 23 -4.43 -20.98 -15.52
N ASN A 24 -5.38 -21.51 -14.74
CA ASN A 24 -6.47 -20.66 -14.30
C ASN A 24 -6.01 -19.61 -13.29
N VAL A 25 -5.01 -19.94 -12.47
CA VAL A 25 -4.46 -18.92 -11.58
C VAL A 25 -3.73 -17.85 -12.37
N SER A 26 -2.97 -18.26 -13.39
CA SER A 26 -2.32 -17.28 -14.26
CA SER A 26 -2.32 -17.28 -14.26
C SER A 26 -3.35 -16.39 -14.94
N LEU A 27 -4.44 -16.99 -15.44
CA LEU A 27 -5.47 -16.20 -16.08
C LEU A 27 -6.11 -15.24 -15.08
N ALA A 28 -6.33 -15.72 -13.85
CA ALA A 28 -6.90 -14.86 -12.82
C ALA A 28 -5.99 -13.68 -12.50
N LYS A 29 -4.66 -13.91 -12.48
CA LYS A 29 -3.72 -12.82 -12.25
C LYS A 29 -3.69 -11.81 -13.40
N ALA A 30 -3.89 -12.29 -14.63
CA ALA A 30 -3.83 -11.42 -15.80
C ALA A 30 -5.09 -10.58 -15.94
N LYS A 31 -6.25 -11.17 -15.62
CA LYS A 31 -7.53 -10.54 -15.91
C LYS A 31 -8.29 -10.05 -14.68
N GLY A 32 -7.84 -10.38 -13.47
CA GLY A 32 -8.51 -9.88 -12.28
C GLY A 32 -9.86 -10.51 -12.03
N VAL A 33 -9.99 -11.81 -12.26
CA VAL A 33 -11.27 -12.52 -12.15
C VAL A 33 -11.06 -13.88 -11.52
N TRP A 34 -12.12 -14.39 -10.87
CA TRP A 34 -12.11 -15.77 -10.41
C TRP A 34 -13.51 -16.33 -10.52
N SER A 35 -13.58 -17.64 -10.75
CA SER A 35 -14.84 -18.36 -10.77
C SER A 35 -14.68 -19.63 -9.95
N THR A 36 -15.75 -20.01 -9.25
CA THR A 36 -15.72 -21.20 -8.40
C THR A 36 -17.03 -21.98 -8.58
N LEU A 37 -17.09 -23.15 -7.94
CA LEU A 37 -18.28 -23.99 -7.97
C LEU A 37 -19.45 -23.29 -7.25
N PRO A 38 -20.69 -23.71 -7.50
CA PRO A 38 -21.82 -22.96 -6.95
C PRO A 38 -21.91 -22.96 -5.45
N VAL A 39 -21.47 -24.03 -4.78
CA VAL A 39 -21.46 -24.04 -3.32
C VAL A 39 -20.61 -22.90 -2.78
N ASN A 40 -19.42 -22.69 -3.35
CA ASN A 40 -18.54 -21.64 -2.86
C ASN A 40 -18.91 -20.26 -3.37
N GLU A 41 -19.46 -20.17 -4.59
CA GLU A 41 -19.94 -18.89 -5.10
C GLU A 41 -21.00 -18.32 -4.17
N LYS A 42 -21.89 -19.17 -3.68
CA LYS A 42 -22.90 -18.75 -2.73
C LYS A 42 -22.27 -18.24 -1.45
N LYS A 43 -21.27 -18.95 -0.93
CA LYS A 43 -20.58 -18.52 0.30
C LYS A 43 -19.87 -17.19 0.10
N LEU A 44 -19.19 -17.00 -1.04
CA LEU A 44 -18.42 -15.76 -1.24
C LEU A 44 -19.34 -14.57 -1.44
N ASN A 45 -20.49 -14.77 -2.08
CA ASN A 45 -21.42 -13.66 -2.25
C ASN A 45 -21.96 -13.19 -0.90
N LEU A 46 -22.28 -14.14 0.00
CA LEU A 46 -22.68 -13.77 1.35
C LEU A 46 -21.56 -13.03 2.07
N ALA A 47 -20.33 -13.52 1.94
CA ALA A 47 -19.23 -12.92 2.67
C ALA A 47 -18.95 -11.50 2.18
N PHE A 48 -19.08 -11.27 0.86
CA PHE A 48 -18.77 -9.96 0.28
C PHE A 48 -19.64 -8.85 0.87
N ARG A 49 -20.89 -9.16 1.20
CA ARG A 49 -21.79 -8.17 1.80
C ARG A 49 -21.53 -8.00 3.29
N SER A 50 -20.83 -8.96 3.92
CA SER A 50 -20.72 -9.07 5.37
C SER A 50 -19.47 -8.44 5.94
N ALA A 51 -18.47 -8.13 5.12
CA ALA A 51 -17.16 -7.74 5.61
C ALA A 51 -16.60 -6.64 4.73
N ARG A 52 -15.72 -5.82 5.34
CA ARG A 52 -15.09 -4.74 4.59
C ARG A 52 -14.14 -5.27 3.52
N SER A 53 -13.53 -6.43 3.75
CA SER A 53 -12.65 -7.08 2.78
C SER A 53 -12.89 -8.58 2.85
N VAL A 54 -13.02 -9.21 1.68
CA VAL A 54 -12.99 -10.66 1.56
C VAL A 54 -11.74 -11.01 0.77
N ILE A 55 -10.88 -11.84 1.36
CA ILE A 55 -9.57 -12.17 0.79
C ILE A 55 -9.61 -13.62 0.34
N LEU A 56 -9.20 -13.86 -0.90
CA LEU A 56 -9.00 -15.20 -1.45
C LEU A 56 -7.52 -15.51 -1.42
N ILE A 57 -7.14 -16.63 -0.84
CA ILE A 57 -5.75 -17.07 -0.78
C ILE A 57 -5.64 -18.32 -1.65
N PHE A 58 -4.85 -18.24 -2.72
CA PHE A 58 -4.85 -19.25 -3.77
C PHE A 58 -3.76 -20.29 -3.57
N SER A 59 -4.10 -21.55 -3.87
CA SER A 59 -3.11 -22.62 -3.87
C SER A 59 -3.44 -23.57 -5.00
N VAL A 60 -2.49 -23.80 -5.90
CA VAL A 60 -2.63 -24.77 -6.98
C VAL A 60 -2.36 -26.17 -6.43
N ARG A 61 -3.28 -27.09 -6.71
CA ARG A 61 -3.15 -28.45 -6.20
C ARG A 61 -1.83 -29.07 -6.63
N GLU A 62 -1.15 -29.72 -5.69
CA GLU A 62 0.11 -30.43 -5.85
C GLU A 62 1.32 -29.51 -5.95
N SER A 63 1.14 -28.20 -5.90
CA SER A 63 2.27 -27.28 -6.01
C SER A 63 3.07 -27.15 -4.72
N GLY A 64 2.49 -27.50 -3.57
CA GLY A 64 3.16 -27.29 -2.30
C GLY A 64 3.33 -25.84 -1.90
N LYS A 65 2.56 -24.94 -2.52
CA LYS A 65 2.71 -23.51 -2.30
C LYS A 65 1.35 -22.83 -2.41
N PHE A 66 1.27 -21.63 -1.83
CA PHE A 66 0.26 -20.65 -2.19
C PHE A 66 0.82 -19.75 -3.31
N GLN A 67 -0.06 -19.31 -4.22
CA GLN A 67 0.39 -18.49 -5.34
C GLN A 67 0.06 -17.00 -5.19
N GLY A 68 -0.55 -16.60 -4.11
CA GLY A 68 -0.82 -15.20 -3.82
C GLY A 68 -2.18 -15.05 -3.19
N PHE A 69 -2.60 -13.79 -3.05
CA PHE A 69 -3.89 -13.49 -2.47
C PHE A 69 -4.44 -12.19 -3.06
N ALA A 70 -5.78 -12.10 -3.04
CA ALA A 70 -6.51 -11.04 -3.73
C ALA A 70 -7.76 -10.71 -2.93
N ARG A 71 -8.28 -9.51 -3.14
CA ARG A 71 -9.50 -9.05 -2.47
C ARG A 71 -10.66 -9.04 -3.46
N LEU A 72 -11.80 -9.61 -3.07
CA LEU A 72 -13.00 -9.47 -3.89
C LEU A 72 -13.36 -8.01 -4.04
N SER A 73 -13.61 -7.59 -5.28
CA SER A 73 -14.13 -6.26 -5.54
C SER A 73 -15.59 -6.25 -5.98
N SER A 74 -16.19 -7.42 -6.20
CA SER A 74 -17.59 -7.51 -6.60
C SER A 74 -18.17 -8.87 -6.20
N GLU A 75 -19.49 -8.93 -6.17
CA GLU A 75 -20.18 -10.22 -6.15
C GLU A 75 -20.04 -10.87 -7.53
N SER A 76 -20.46 -12.11 -7.64
CA SER A 76 -20.34 -12.81 -8.91
C SER A 76 -21.37 -12.27 -9.91
N HIS A 77 -20.98 -12.30 -11.18
CA HIS A 77 -21.84 -11.79 -12.25
C HIS A 77 -21.76 -12.71 -13.45
N HIS A 78 -22.91 -12.95 -14.08
CA HIS A 78 -23.01 -13.90 -15.17
C HIS A 78 -23.12 -13.16 -16.50
N GLY A 79 -22.83 -13.88 -17.58
CA GLY A 79 -22.63 -13.23 -18.87
C GLY A 79 -21.27 -12.60 -18.88
N GLY A 80 -21.20 -11.30 -19.16
CA GLY A 80 -19.93 -10.60 -19.12
C GLY A 80 -18.90 -11.02 -20.16
N SER A 81 -18.66 -12.35 -20.31
CA SER A 81 -17.58 -12.89 -21.13
C SER A 81 -17.40 -14.39 -20.91
N PRO A 82 -16.88 -15.16 -21.88
CA PRO A 82 -16.55 -16.56 -21.61
C PRO A 82 -15.07 -16.79 -21.28
N ILE A 83 -14.72 -16.64 -20.00
CA ILE A 83 -13.34 -16.85 -19.57
C ILE A 83 -12.87 -18.23 -20.00
N HIS A 84 -11.73 -18.27 -20.69
CA HIS A 84 -11.16 -19.52 -21.19
C HIS A 84 -10.42 -20.29 -20.08
N TRP A 85 -11.14 -20.58 -19.00
CA TRP A 85 -10.60 -21.45 -17.97
C TRP A 85 -10.22 -22.78 -18.60
N VAL A 86 -9.05 -23.30 -18.24
CA VAL A 86 -8.74 -24.67 -18.61
C VAL A 86 -9.68 -25.49 -17.76
N LEU A 87 -10.90 -25.66 -18.23
CA LEU A 87 -11.92 -26.35 -17.46
C LEU A 87 -11.43 -27.73 -17.04
N PRO A 88 -11.48 -28.06 -15.74
CA PRO A 88 -11.02 -29.37 -15.26
C PRO A 88 -11.95 -30.47 -15.74
N SER A 92 -17.23 -28.54 -15.87
CA SER A 92 -17.77 -27.96 -17.10
C SER A 92 -17.84 -26.43 -17.01
N ALA A 93 -18.14 -25.79 -18.14
CA ALA A 93 -18.17 -24.33 -18.18
C ALA A 93 -19.37 -23.77 -17.42
N LYS A 94 -20.47 -24.52 -17.35
CA LYS A 94 -21.67 -24.03 -16.68
C LYS A 94 -21.51 -23.99 -15.16
N MET A 95 -20.53 -24.70 -14.61
CA MET A 95 -20.26 -24.67 -13.19
C MET A 95 -19.22 -23.60 -12.81
N LEU A 96 -18.68 -22.89 -13.81
CA LEU A 96 -17.71 -21.82 -13.59
C LEU A 96 -18.23 -20.48 -14.09
N GLY A 97 -19.47 -20.44 -14.57
CA GLY A 97 -20.16 -19.17 -14.70
C GLY A 97 -20.38 -18.55 -13.34
N GLY A 98 -20.51 -17.23 -13.34
CA GLY A 98 -20.39 -16.45 -12.13
C GLY A 98 -18.95 -16.04 -11.96
N VAL A 99 -18.64 -14.81 -12.40
CA VAL A 99 -17.30 -14.27 -12.41
C VAL A 99 -17.22 -13.22 -11.31
N PHE A 100 -16.30 -13.39 -10.37
CA PHE A 100 -15.99 -12.37 -9.39
C PHE A 100 -14.84 -11.53 -9.93
N LYS A 101 -14.93 -10.23 -9.73
CA LYS A 101 -13.80 -9.35 -9.96
C LYS A 101 -12.96 -9.30 -8.69
N ILE A 102 -11.63 -9.35 -8.86
CA ILE A 102 -10.70 -9.40 -7.74
C ILE A 102 -9.56 -8.42 -8.03
N ASP A 103 -9.04 -7.81 -6.96
CA ASP A 103 -7.84 -6.98 -7.01
C ASP A 103 -6.74 -7.72 -6.29
N TRP A 104 -5.66 -8.00 -6.99
CA TRP A 104 -4.56 -8.75 -6.39
C TRP A 104 -3.84 -7.89 -5.37
N ILE A 105 -3.54 -8.50 -4.22
CA ILE A 105 -2.77 -7.82 -3.19
C ILE A 105 -1.33 -8.32 -3.22
N CYS A 106 -1.12 -9.59 -3.57
CA CYS A 106 0.21 -10.18 -3.68
C CYS A 106 0.15 -11.28 -4.72
N ARG A 107 1.00 -11.19 -5.75
CA ARG A 107 1.08 -12.25 -6.76
C ARG A 107 2.28 -13.16 -6.58
N ARG A 108 2.99 -13.03 -5.46
CA ARG A 108 4.16 -13.83 -5.13
C ARG A 108 3.75 -15.12 -4.44
N GLU A 109 4.62 -16.13 -4.54
CA GLU A 109 4.39 -17.45 -3.97
C GLU A 109 4.82 -17.52 -2.51
N LEU A 110 4.19 -18.42 -1.75
CA LEU A 110 4.65 -18.75 -0.40
C LEU A 110 4.63 -20.26 -0.24
N PRO A 111 5.78 -20.90 0.02
CA PRO A 111 5.77 -22.35 0.20
C PRO A 111 5.06 -22.74 1.50
N PHE A 112 4.39 -23.90 1.45
CA PHE A 112 3.69 -24.42 2.62
C PHE A 112 4.65 -24.60 3.81
N THR A 113 5.92 -24.85 3.54
CA THR A 113 6.87 -25.02 4.65
C THR A 113 6.92 -23.77 5.53
N LYS A 114 6.61 -22.60 4.97
CA LYS A 114 6.70 -21.35 5.73
C LYS A 114 5.47 -21.08 6.59
N SER A 115 4.38 -21.79 6.36
CA SER A 115 3.15 -21.58 7.12
C SER A 115 2.87 -22.72 8.09
N ALA A 116 3.86 -23.60 8.33
CA ALA A 116 3.62 -24.79 9.14
C ALA A 116 3.28 -24.47 10.58
N HIS A 117 3.55 -23.25 11.05
CA HIS A 117 3.21 -22.83 12.40
C HIS A 117 1.81 -22.21 12.54
N LEU A 118 1.04 -22.16 11.45
CA LEU A 118 -0.29 -21.55 11.47
C LEU A 118 -1.36 -22.63 11.33
N THR A 119 -2.29 -22.69 12.28
CA THR A 119 -3.40 -23.62 12.23
C THR A 119 -4.72 -22.87 12.15
N ASN A 120 -5.70 -23.51 11.53
CA ASN A 120 -6.98 -22.86 11.24
C ASN A 120 -8.04 -23.38 12.20
N PRO A 121 -8.55 -22.58 13.13
CA PRO A 121 -9.62 -23.05 14.02
C PRO A 121 -10.86 -23.56 13.30
N TRP A 122 -11.16 -23.03 12.12
CA TRP A 122 -12.35 -23.46 11.40
C TRP A 122 -12.15 -24.76 10.64
N ASN A 123 -10.96 -25.34 10.65
CA ASN A 123 -10.70 -26.66 10.10
C ASN A 123 -9.98 -27.51 11.13
N GLU A 124 -10.54 -27.57 12.35
CA GLU A 124 -10.05 -28.47 13.40
C GLU A 124 -8.60 -28.21 13.79
N HIS A 125 -8.11 -26.97 13.59
CA HIS A 125 -6.71 -26.64 13.90
C HIS A 125 -5.70 -27.44 13.10
N LYS A 126 -6.09 -27.91 11.92
CA LYS A 126 -5.13 -28.41 10.98
C LYS A 126 -4.30 -27.26 10.42
N PRO A 127 -3.09 -27.57 9.94
CA PRO A 127 -2.26 -26.53 9.31
C PRO A 127 -3.07 -25.84 8.23
N VAL A 128 -2.88 -24.53 8.11
CA VAL A 128 -3.73 -23.72 7.25
C VAL A 128 -3.65 -24.15 5.78
N LYS A 129 -2.53 -24.76 5.38
CA LYS A 129 -2.44 -25.33 4.04
C LYS A 129 -3.49 -26.42 3.77
N ILE A 130 -4.01 -27.06 4.81
CA ILE A 130 -5.00 -28.14 4.62
C ILE A 130 -6.39 -27.53 4.57
N GLY A 131 -7.14 -27.88 3.54
CA GLY A 131 -8.51 -27.45 3.44
C GLY A 131 -9.04 -27.63 2.04
N ARG A 132 -10.36 -27.78 1.90
CA ARG A 132 -10.96 -27.89 0.58
C ARG A 132 -11.16 -26.50 0.00
N ASP A 133 -11.34 -26.45 -1.33
CA ASP A 133 -11.67 -25.21 -1.99
C ASP A 133 -12.85 -24.56 -1.28
N GLY A 134 -12.69 -23.31 -0.88
CA GLY A 134 -13.72 -22.55 -0.21
C GLY A 134 -13.63 -22.53 1.31
N GLN A 135 -12.70 -23.27 1.90
CA GLN A 135 -12.60 -23.35 3.36
C GLN A 135 -12.31 -21.97 3.94
N GLU A 136 -13.15 -21.52 4.86
CA GLU A 136 -12.90 -20.27 5.54
C GLU A 136 -11.73 -20.39 6.52
N ILE A 137 -10.90 -19.34 6.58
CA ILE A 137 -9.79 -19.26 7.50
C ILE A 137 -10.09 -18.16 8.52
N GLU A 138 -10.03 -18.53 9.81
CA GLU A 138 -10.31 -17.59 10.88
CA GLU A 138 -10.30 -17.57 10.89
C GLU A 138 -9.39 -16.35 10.77
N LEU A 139 -9.91 -15.21 11.22
CA LEU A 139 -9.26 -13.89 11.08
C LEU A 139 -7.78 -13.88 11.45
N GLU A 140 -7.43 -14.31 12.67
CA GLU A 140 -6.05 -14.17 13.12
C GLU A 140 -5.11 -15.00 12.28
N CYS A 141 -5.50 -16.25 12.00
CA CYS A 141 -4.68 -17.14 11.19
C CYS A 141 -4.53 -16.61 9.77
N GLY A 142 -5.62 -16.13 9.18
CA GLY A 142 -5.55 -15.61 7.84
C GLY A 142 -4.72 -14.35 7.74
N THR A 143 -4.83 -13.46 8.73
CA THR A 143 -3.99 -12.26 8.77
C THR A 143 -2.53 -12.63 8.83
N GLN A 144 -2.17 -13.54 9.73
CA GLN A 144 -0.77 -13.93 9.83
C GLN A 144 -0.29 -14.63 8.57
N LEU A 145 -1.14 -15.46 7.95
CA LEU A 145 -0.75 -16.10 6.70
C LEU A 145 -0.43 -15.06 5.64
N CYS A 146 -1.32 -14.06 5.47
CA CYS A 146 -1.08 -13.05 4.44
C CYS A 146 0.19 -12.25 4.72
N LEU A 147 0.48 -12.00 6.00
CA LEU A 147 1.68 -11.25 6.33
C LEU A 147 2.96 -12.02 6.08
N LEU A 148 2.87 -13.35 5.92
CA LEU A 148 4.07 -14.16 5.63
C LEU A 148 4.52 -14.04 4.18
N PHE A 149 3.63 -13.67 3.26
CA PHE A 149 4.01 -13.61 1.86
C PHE A 149 5.09 -12.55 1.66
N PRO A 150 6.01 -12.75 0.71
CA PRO A 150 6.95 -11.70 0.35
C PRO A 150 6.19 -10.48 -0.10
N PRO A 151 6.68 -9.28 0.18
CA PRO A 151 5.98 -8.09 -0.32
C PRO A 151 5.98 -8.08 -1.85
N ASP A 152 4.87 -7.62 -2.42
CA ASP A 152 4.75 -7.44 -3.88
C ASP A 152 4.83 -5.94 -4.18
N GLU A 153 6.04 -5.47 -4.49
CA GLU A 153 6.25 -4.04 -4.68
C GLU A 153 5.71 -3.52 -6.01
N SER A 154 5.19 -4.40 -6.87
CA SER A 154 4.50 -3.97 -8.08
C SER A 154 3.08 -3.54 -7.83
N ILE A 155 2.57 -3.68 -6.61
CA ILE A 155 1.17 -3.39 -6.31
C ILE A 155 1.10 -2.18 -5.38
N ASP A 156 0.20 -1.24 -5.70
CA ASP A 156 -0.06 -0.07 -4.87
C ASP A 156 -1.44 -0.27 -4.24
N LEU A 157 -1.48 -0.42 -2.91
CA LEU A 157 -2.75 -0.66 -2.21
C LEU A 157 -3.62 0.56 -2.06
N TYR A 158 -3.16 1.73 -2.53
CA TYR A 158 -3.95 2.95 -2.42
C TYR A 158 -5.31 2.80 -3.09
N GLN A 159 -5.34 2.26 -4.33
CA GLN A 159 -6.62 2.16 -5.04
C GLN A 159 -7.53 1.12 -4.38
N VAL A 160 -6.95 0.08 -3.78
CA VAL A 160 -7.74 -0.95 -3.09
C VAL A 160 -8.41 -0.37 -1.86
N ILE A 161 -7.68 0.46 -1.10
CA ILE A 161 -8.27 1.11 0.06
C ILE A 161 -9.46 1.98 -0.34
N HIS A 162 -9.40 2.61 -1.52
CA HIS A 162 -10.51 3.44 -1.97
C HIS A 162 -11.73 2.60 -2.34
N LYS A 163 -11.54 1.37 -2.81
CA LYS A 163 -12.67 0.50 -3.09
C LYS A 163 -13.48 0.22 -1.83
N MET A 164 -12.82 0.13 -0.68
CA MET A 164 -13.48 -0.07 0.59
C MET A 164 -14.40 1.10 0.93
N GLY B 1 -6.67 32.41 5.02
CA GLY B 1 -5.78 32.51 3.88
C GLY B 1 -5.29 31.17 3.36
N THR B 2 -6.15 30.16 3.46
CA THR B 2 -5.78 28.79 3.15
C THR B 2 -6.27 28.30 1.79
N SER B 3 -6.93 29.15 0.99
CA SER B 3 -7.50 28.68 -0.28
C SER B 3 -6.43 28.07 -1.18
N LYS B 4 -5.29 28.73 -1.32
CA LYS B 4 -4.24 28.21 -2.19
C LYS B 4 -3.73 26.87 -1.69
N LEU B 5 -3.46 26.76 -0.39
CA LEU B 5 -2.88 25.52 0.12
C LEU B 5 -3.89 24.39 0.03
N LYS B 6 -5.17 24.68 0.32
CA LYS B 6 -6.18 23.65 0.22
C LYS B 6 -6.34 23.15 -1.22
N TYR B 7 -6.17 24.05 -2.19
CA TYR B 7 -6.19 23.66 -3.59
C TYR B 7 -5.02 22.71 -3.91
N VAL B 8 -3.82 23.03 -3.41
CA VAL B 8 -2.66 22.18 -3.66
C VAL B 8 -2.88 20.80 -3.06
N LEU B 9 -3.53 20.74 -1.90
CA LEU B 9 -3.72 19.50 -1.15
C LEU B 9 -4.95 18.71 -1.53
N GLN B 10 -5.84 19.25 -2.37
CA GLN B 10 -7.00 18.46 -2.78
C GLN B 10 -6.55 17.19 -3.50
N ASP B 11 -7.02 16.06 -3.01
CA ASP B 11 -6.72 14.75 -3.62
C ASP B 11 -5.22 14.43 -3.64
N ALA B 12 -4.47 14.91 -2.64
CA ALA B 12 -3.05 14.61 -2.51
C ALA B 12 -2.85 13.26 -1.82
N ARG B 13 -1.65 12.70 -2.02
CA ARG B 13 -1.14 11.60 -1.20
C ARG B 13 -0.01 12.15 -0.34
N PHE B 14 0.15 11.60 0.86
CA PHE B 14 1.05 12.13 1.88
C PHE B 14 1.96 11.02 2.36
N PHE B 15 3.26 11.31 2.47
CA PHE B 15 4.24 10.37 2.98
C PHE B 15 5.11 11.01 4.02
N LEU B 16 5.28 10.33 5.15
CA LEU B 16 6.27 10.73 6.13
C LEU B 16 7.68 10.41 5.63
N ILE B 17 8.59 11.36 5.80
CA ILE B 17 10.01 11.19 5.46
C ILE B 17 10.77 11.34 6.76
N LYS B 18 11.54 10.31 7.12
CA LYS B 18 12.32 10.29 8.35
C LYS B 18 13.79 10.27 7.95
N SER B 19 14.46 11.42 8.07
CA SER B 19 15.88 11.52 7.78
C SER B 19 16.69 11.19 9.02
N ASN B 20 17.83 10.53 8.81
CA ASN B 20 18.68 10.24 9.94
C ASN B 20 19.49 11.44 10.41
N ASN B 21 19.65 12.47 9.58
CA ASN B 21 20.42 13.63 9.98
C ASN B 21 19.73 14.92 9.56
N HIS B 22 20.13 16.03 10.19
CA HIS B 22 19.63 17.35 9.85
C HIS B 22 20.28 17.88 8.58
N GLU B 23 21.54 17.51 8.31
CA GLU B 23 22.26 18.05 7.16
C GLU B 23 21.54 17.80 5.85
N ASN B 24 21.01 16.59 5.64
CA ASN B 24 20.38 16.28 4.37
C ASN B 24 19.07 17.04 4.20
N VAL B 25 18.36 17.31 5.31
CA VAL B 25 17.17 18.14 5.22
C VAL B 25 17.55 19.58 4.89
N SER B 26 18.63 20.10 5.50
CA SER B 26 19.08 21.45 5.14
CA SER B 26 19.10 21.45 5.13
C SER B 26 19.49 21.52 3.67
N LEU B 27 20.24 20.52 3.19
CA LEU B 27 20.59 20.48 1.78
C LEU B 27 19.34 20.48 0.91
N ALA B 28 18.39 19.61 1.26
CA ALA B 28 17.16 19.45 0.47
C ALA B 28 16.30 20.71 0.47
N LYS B 29 16.25 21.40 1.60
CA LYS B 29 15.49 22.67 1.68
C LYS B 29 16.04 23.71 0.70
N ALA B 30 17.37 23.78 0.55
CA ALA B 30 17.96 24.83 -0.28
C ALA B 30 17.91 24.45 -1.76
N LYS B 31 18.15 23.18 -2.06
CA LYS B 31 18.32 22.73 -3.44
C LYS B 31 17.04 22.20 -4.08
N GLY B 32 16.04 21.82 -3.29
CA GLY B 32 14.82 21.31 -3.89
C GLY B 32 14.91 19.90 -4.43
N VAL B 33 15.59 19.01 -3.71
CA VAL B 33 15.78 17.62 -4.12
C VAL B 33 15.59 16.73 -2.91
N TRP B 34 15.24 15.47 -3.19
CA TRP B 34 15.23 14.46 -2.16
C TRP B 34 15.57 13.10 -2.78
N SER B 35 16.19 12.23 -1.99
CA SER B 35 16.43 10.85 -2.36
C SER B 35 16.06 9.95 -1.18
N THR B 36 15.59 8.74 -1.48
CA THR B 36 15.18 7.80 -0.44
C THR B 36 15.63 6.39 -0.83
N LEU B 37 15.35 5.43 0.06
CA LEU B 37 15.73 4.04 -0.20
C LEU B 37 14.86 3.44 -1.31
N PRO B 38 15.36 2.41 -2.01
CA PRO B 38 14.64 1.90 -3.20
C PRO B 38 13.19 1.52 -2.98
N VAL B 39 12.84 0.92 -1.82
CA VAL B 39 11.45 0.52 -1.60
C VAL B 39 10.54 1.74 -1.56
N ASN B 40 10.95 2.77 -0.83
CA ASN B 40 10.17 4.01 -0.82
C ASN B 40 10.25 4.75 -2.15
N GLU B 41 11.42 4.70 -2.83
CA GLU B 41 11.51 5.32 -4.14
C GLU B 41 10.45 4.78 -5.09
N LYS B 42 10.24 3.47 -5.09
CA LYS B 42 9.22 2.88 -5.94
C LYS B 42 7.82 3.34 -5.54
N LYS B 43 7.54 3.36 -4.24
CA LYS B 43 6.23 3.82 -3.76
C LYS B 43 5.95 5.25 -4.17
N LEU B 44 6.95 6.13 -4.09
CA LEU B 44 6.74 7.53 -4.45
C LEU B 44 6.57 7.70 -5.96
N ASN B 45 7.28 6.91 -6.75
CA ASN B 45 7.12 7.00 -8.20
C ASN B 45 5.71 6.58 -8.61
N LEU B 46 5.20 5.50 -8.01
CA LEU B 46 3.82 5.10 -8.28
C LEU B 46 2.84 6.18 -7.87
N ALA B 47 3.03 6.78 -6.69
CA ALA B 47 2.12 7.81 -6.22
C ALA B 47 2.17 9.05 -7.09
N PHE B 48 3.36 9.40 -7.62
CA PHE B 48 3.47 10.59 -8.45
C PHE B 48 2.66 10.48 -9.74
N ARG B 49 2.59 9.28 -10.32
CA ARG B 49 1.82 9.09 -11.54
C ARG B 49 0.32 9.01 -11.29
N SER B 50 -0.10 8.72 -10.05
CA SER B 50 -1.49 8.45 -9.76
C SER B 50 -2.23 9.59 -9.07
N ALA B 51 -1.51 10.49 -8.41
CA ALA B 51 -2.11 11.52 -7.57
C ALA B 51 -1.81 12.90 -8.15
N ARG B 52 -2.74 13.84 -7.93
CA ARG B 52 -2.54 15.21 -8.39
C ARG B 52 -1.38 15.89 -7.68
N SER B 53 -1.17 15.58 -6.40
CA SER B 53 -0.03 16.07 -5.62
C SER B 53 0.46 14.95 -4.72
N VAL B 54 1.78 14.81 -4.61
CA VAL B 54 2.41 13.92 -3.65
C VAL B 54 3.22 14.76 -2.68
N ILE B 55 2.85 14.70 -1.41
CA ILE B 55 3.40 15.56 -0.37
C ILE B 55 4.29 14.72 0.52
N LEU B 56 5.51 15.21 0.76
CA LEU B 56 6.49 14.63 1.68
C LEU B 56 6.52 15.51 2.92
N ILE B 57 6.30 14.92 4.08
CA ILE B 57 6.30 15.63 5.36
C ILE B 57 7.51 15.15 6.14
N PHE B 58 8.43 16.05 6.44
CA PHE B 58 9.76 15.68 6.91
C PHE B 58 9.85 15.72 8.42
N SER B 59 10.51 14.70 8.99
CA SER B 59 10.83 14.67 10.41
C SER B 59 12.18 13.99 10.62
N VAL B 60 13.16 14.73 11.13
CA VAL B 60 14.48 14.19 11.40
C VAL B 60 14.40 13.31 12.64
N ARG B 61 15.06 12.15 12.58
CA ARG B 61 15.06 11.22 13.71
C ARG B 61 15.48 11.91 15.00
N GLU B 62 14.68 11.70 16.05
CA GLU B 62 14.95 12.16 17.40
C GLU B 62 14.82 13.67 17.58
N SER B 63 14.29 14.41 16.61
CA SER B 63 14.21 15.85 16.77
C SER B 63 12.96 16.30 17.52
N GLY B 64 11.96 15.43 17.65
CA GLY B 64 10.70 15.84 18.27
C GLY B 64 9.85 16.78 17.45
N LYS B 65 10.16 16.98 16.17
CA LYS B 65 9.47 17.96 15.34
C LYS B 65 9.38 17.46 13.91
N PHE B 66 8.47 18.08 13.16
CA PHE B 66 8.53 18.09 11.70
C PHE B 66 9.26 19.34 11.25
N GLN B 67 10.05 19.20 10.20
CA GLN B 67 10.85 20.31 9.69
C GLN B 67 10.25 21.01 8.49
N GLY B 68 9.13 20.52 7.97
CA GLY B 68 8.49 21.14 6.83
C GLY B 68 7.86 20.13 5.93
N PHE B 69 7.33 20.58 4.79
CA PHE B 69 6.71 19.69 3.84
C PHE B 69 6.87 20.23 2.44
N ALA B 70 6.85 19.31 1.48
CA ALA B 70 7.18 19.63 0.11
C ALA B 70 6.35 18.78 -0.83
N ARG B 71 6.23 19.22 -2.08
CA ARG B 71 5.50 18.49 -3.11
C ARG B 71 6.47 17.97 -4.17
N LEU B 72 6.34 16.69 -4.53
CA LEU B 72 7.12 16.16 -5.64
C LEU B 72 6.78 16.89 -6.92
N SER B 73 7.82 17.32 -7.65
CA SER B 73 7.61 17.87 -8.98
C SER B 73 8.08 16.94 -10.10
N SER B 74 8.70 15.81 -9.75
CA SER B 74 9.13 14.82 -10.72
C SER B 74 9.20 13.44 -10.08
N GLU B 75 9.20 12.41 -10.93
CA GLU B 75 9.60 11.09 -10.52
C GLU B 75 11.11 11.10 -10.22
N SER B 76 11.60 10.01 -9.66
CA SER B 76 13.04 9.95 -9.40
C SER B 76 13.78 9.79 -10.72
N HIS B 77 14.94 10.41 -10.81
CA HIS B 77 15.78 10.29 -11.99
C HIS B 77 17.20 9.94 -11.58
N HIS B 78 17.83 9.07 -12.35
CA HIS B 78 19.20 8.64 -12.11
C HIS B 78 20.13 9.31 -13.12
N GLY B 79 21.41 9.36 -12.76
CA GLY B 79 22.43 9.86 -13.66
C GLY B 79 22.52 11.37 -13.77
N GLY B 80 21.65 12.11 -13.09
CA GLY B 80 21.74 13.55 -13.10
C GLY B 80 22.95 14.04 -12.31
N SER B 81 22.96 15.34 -12.05
CA SER B 81 24.02 15.93 -11.26
C SER B 81 24.05 15.27 -9.88
N PRO B 82 25.19 14.71 -9.45
CA PRO B 82 25.21 13.94 -8.20
C PRO B 82 25.00 14.83 -6.99
N ILE B 83 23.95 14.54 -6.22
CA ILE B 83 23.75 15.21 -4.95
C ILE B 83 24.66 14.58 -3.92
N HIS B 84 25.48 15.39 -3.27
CA HIS B 84 26.45 14.88 -2.30
C HIS B 84 25.81 14.84 -0.91
N TRP B 85 24.83 13.93 -0.78
CA TRP B 85 24.22 13.70 0.52
C TRP B 85 25.28 13.36 1.55
N VAL B 86 25.02 13.74 2.79
CA VAL B 86 25.82 13.30 3.93
C VAL B 86 25.32 11.91 4.28
N LEU B 87 26.23 10.90 4.20
CA LEU B 87 25.69 9.55 4.34
C LEU B 87 25.83 9.06 5.77
N PRO B 88 24.78 8.47 6.33
CA PRO B 88 24.92 7.78 7.62
C PRO B 88 25.43 6.36 7.42
N ALA B 89 26.18 5.88 8.40
CA ALA B 89 26.67 4.51 8.39
C ALA B 89 25.49 3.55 8.38
N GLY B 90 25.26 2.90 7.24
CA GLY B 90 24.07 2.11 7.02
C GLY B 90 23.47 2.45 5.67
N MET B 91 24.03 3.47 5.03
CA MET B 91 23.65 3.87 3.69
C MET B 91 24.90 4.06 2.84
N SER B 92 24.71 4.10 1.53
CA SER B 92 25.77 4.36 0.58
C SER B 92 25.19 5.16 -0.58
N ALA B 93 26.08 5.72 -1.40
CA ALA B 93 25.64 6.59 -2.48
C ALA B 93 24.68 5.88 -3.42
N LYS B 94 25.01 4.65 -3.80
CA LYS B 94 24.14 3.90 -4.71
C LYS B 94 22.78 3.63 -4.08
N MET B 95 22.71 3.56 -2.75
CA MET B 95 21.44 3.32 -2.06
C MET B 95 20.52 4.52 -2.08
N LEU B 96 20.94 5.66 -2.64
CA LEU B 96 20.12 6.85 -2.74
C LEU B 96 20.20 7.45 -4.14
N GLY B 97 20.32 6.59 -5.16
CA GLY B 97 20.66 7.06 -6.49
C GLY B 97 19.58 7.91 -7.13
N GLY B 98 18.31 7.56 -6.91
CA GLY B 98 17.24 8.29 -7.55
C GLY B 98 17.04 9.65 -6.90
N VAL B 99 16.97 10.70 -7.71
CA VAL B 99 16.77 12.06 -7.20
C VAL B 99 15.41 12.55 -7.64
N PHE B 100 14.56 12.88 -6.67
CA PHE B 100 13.29 13.54 -6.92
C PHE B 100 13.48 15.05 -6.84
N LYS B 101 12.87 15.78 -7.77
CA LYS B 101 12.78 17.23 -7.62
C LYS B 101 11.56 17.54 -6.76
N ILE B 102 11.72 18.47 -5.80
CA ILE B 102 10.63 18.82 -4.89
C ILE B 102 10.53 20.33 -4.78
N ASP B 103 9.30 20.81 -4.56
CA ASP B 103 9.01 22.21 -4.30
C ASP B 103 8.54 22.31 -2.86
N TRP B 104 9.28 23.02 -2.03
CA TRP B 104 8.89 23.18 -0.64
C TRP B 104 7.66 24.05 -0.51
N ILE B 105 6.74 23.63 0.37
CA ILE B 105 5.56 24.42 0.67
CA ILE B 105 5.55 24.40 0.69
C ILE B 105 5.71 25.12 2.01
N CYS B 106 6.40 24.51 2.96
CA CYS B 106 6.71 25.14 4.22
C CYS B 106 8.04 24.57 4.70
N ARG B 107 8.95 25.44 5.10
CA ARG B 107 10.25 25.02 5.59
C ARG B 107 10.38 25.35 7.07
N ARG B 108 9.28 25.70 7.73
CA ARG B 108 9.26 25.99 9.16
C ARG B 108 8.88 24.77 9.98
N GLU B 109 9.36 24.74 11.22
CA GLU B 109 9.17 23.59 12.08
C GLU B 109 7.76 23.54 12.68
N LEU B 110 7.32 22.33 12.94
CA LEU B 110 6.09 22.08 13.68
C LEU B 110 6.42 21.06 14.76
N PRO B 111 6.41 21.44 16.03
CA PRO B 111 6.72 20.47 17.08
C PRO B 111 5.61 19.44 17.21
N PHE B 112 5.99 18.21 17.57
CA PHE B 112 5.03 17.12 17.72
C PHE B 112 3.93 17.49 18.72
N THR B 113 4.23 18.38 19.67
CA THR B 113 3.22 18.79 20.65
C THR B 113 2.03 19.46 19.99
N LYS B 114 2.21 20.05 18.81
CA LYS B 114 1.12 20.73 18.13
C LYS B 114 0.30 19.80 17.24
N SER B 115 0.73 18.55 17.04
CA SER B 115 0.01 17.59 16.23
C SER B 115 -0.52 16.43 17.06
N ALA B 116 -0.53 16.58 18.39
CA ALA B 116 -0.82 15.46 19.27
C ALA B 116 -2.25 14.94 19.12
N HIS B 117 -3.14 15.75 18.58
CA HIS B 117 -4.55 15.38 18.40
C HIS B 117 -4.82 14.64 17.10
N LEU B 118 -3.83 14.48 16.23
CA LEU B 118 -4.05 13.88 14.91
C LEU B 118 -3.52 12.45 14.87
N THR B 119 -4.37 11.53 14.42
CA THR B 119 -4.02 10.12 14.29
C THR B 119 -4.19 9.67 12.84
N ASN B 120 -3.36 8.73 12.43
CA ASN B 120 -3.34 8.24 11.05
C ASN B 120 -4.08 6.92 10.98
N PRO B 121 -5.23 6.84 10.32
CA PRO B 121 -5.94 5.55 10.22
C PRO B 121 -5.16 4.47 9.49
N TRP B 122 -4.24 4.82 8.59
CA TRP B 122 -3.46 3.84 7.85
C TRP B 122 -2.22 3.42 8.60
N ASN B 123 -2.05 3.87 9.85
CA ASN B 123 -1.04 3.35 10.75
C ASN B 123 -1.69 3.04 12.10
N GLU B 124 -2.78 2.27 12.05
CA GLU B 124 -3.48 1.75 13.23
C GLU B 124 -4.02 2.85 14.14
N HIS B 125 -4.35 4.01 13.57
CA HIS B 125 -4.94 5.12 14.32
C HIS B 125 -3.98 5.65 15.40
N LYS B 126 -2.66 5.48 15.17
CA LYS B 126 -1.62 6.01 16.04
C LYS B 126 -1.38 7.49 15.73
N PRO B 127 -0.92 8.27 16.72
CA PRO B 127 -0.61 9.67 16.46
C PRO B 127 0.33 9.81 15.27
N VAL B 128 0.10 10.84 14.46
CA VAL B 128 0.74 10.98 13.15
C VAL B 128 2.24 11.17 13.28
N LYS B 129 2.74 11.65 14.43
CA LYS B 129 4.18 11.71 14.65
C LYS B 129 4.83 10.34 14.67
N ILE B 130 4.07 9.26 14.87
CA ILE B 130 4.65 7.91 14.91
C ILE B 130 4.65 7.32 13.50
N GLY B 131 5.81 6.89 13.04
CA GLY B 131 5.87 6.20 11.76
C GLY B 131 7.28 6.03 11.22
N ARG B 132 7.46 5.10 10.31
CA ARG B 132 8.73 4.85 9.65
C ARG B 132 8.88 5.73 8.41
N ASP B 133 10.13 5.88 7.95
CA ASP B 133 10.38 6.56 6.68
C ASP B 133 9.51 5.94 5.60
N GLY B 134 8.74 6.78 4.91
CA GLY B 134 7.88 6.32 3.86
C GLY B 134 6.46 5.98 4.27
N GLN B 135 6.13 6.03 5.56
CA GLN B 135 4.76 5.73 6.01
C GLN B 135 3.74 6.61 5.31
N GLU B 136 2.76 6.00 4.66
CA GLU B 136 1.73 6.79 3.99
C GLU B 136 0.70 7.28 5.00
N ILE B 137 0.28 8.52 4.83
CA ILE B 137 -0.69 9.15 5.73
C ILE B 137 -1.99 9.36 4.98
N GLU B 138 -3.10 8.98 5.60
CA GLU B 138 -4.40 9.08 4.96
C GLU B 138 -4.74 10.56 4.68
N LEU B 139 -5.55 10.78 3.64
CA LEU B 139 -5.79 12.12 3.09
C LEU B 139 -6.20 13.14 4.14
N GLU B 140 -7.23 12.84 4.93
CA GLU B 140 -7.70 13.87 5.87
C GLU B 140 -6.69 14.16 6.96
N CYS B 141 -6.06 13.11 7.52
CA CYS B 141 -4.99 13.31 8.48
C CYS B 141 -3.85 14.15 7.90
N GLY B 142 -3.43 13.81 6.68
CA GLY B 142 -2.30 14.52 6.09
C GLY B 142 -2.64 15.96 5.79
N THR B 143 -3.88 16.20 5.35
CA THR B 143 -4.32 17.57 5.09
C THR B 143 -4.32 18.39 6.37
N GLN B 144 -4.93 17.86 7.43
CA GLN B 144 -4.95 18.61 8.69
C GLN B 144 -3.55 18.82 9.26
N LEU B 145 -2.65 17.84 9.09
CA LEU B 145 -1.27 18.03 9.55
C LEU B 145 -0.60 19.18 8.81
N CYS B 146 -0.71 19.20 7.48
CA CYS B 146 -0.10 20.27 6.71
C CYS B 146 -0.67 21.64 7.09
N LEU B 147 -1.97 21.70 7.42
CA LEU B 147 -2.59 22.98 7.75
C LEU B 147 -2.13 23.51 9.10
N LEU B 148 -1.53 22.65 9.95
CA LEU B 148 -1.01 23.09 11.24
C LEU B 148 0.26 23.92 11.12
N PHE B 149 1.01 23.74 10.04
CA PHE B 149 2.30 24.43 9.91
C PHE B 149 2.08 25.94 9.80
N PRO B 150 2.98 26.75 10.36
CA PRO B 150 2.85 28.20 10.25
C PRO B 150 3.09 28.65 8.82
N PRO B 151 2.63 29.85 8.44
CA PRO B 151 2.91 30.33 7.09
C PRO B 151 4.38 30.63 6.89
N ASP B 152 4.88 30.30 5.71
CA ASP B 152 6.28 30.48 5.37
C ASP B 152 6.43 31.62 4.37
N GLU B 153 6.95 32.75 4.85
CA GLU B 153 7.10 33.95 4.03
C GLU B 153 8.21 33.83 2.98
N SER B 154 9.06 32.81 3.07
CA SER B 154 10.07 32.58 2.05
C SER B 154 9.54 31.83 0.84
N ILE B 155 8.31 31.32 0.91
CA ILE B 155 7.74 30.44 -0.10
C ILE B 155 6.66 31.18 -0.89
N ASP B 156 6.68 31.01 -2.21
CA ASP B 156 5.64 31.47 -3.12
C ASP B 156 4.98 30.23 -3.71
N LEU B 157 3.70 30.01 -3.37
CA LEU B 157 2.98 28.86 -3.92
C LEU B 157 2.71 28.98 -5.42
N TYR B 158 3.04 30.10 -6.05
CA TYR B 158 2.63 30.32 -7.44
C TYR B 158 3.25 29.30 -8.39
N GLN B 159 4.53 28.98 -8.20
CA GLN B 159 5.18 27.99 -9.06
C GLN B 159 4.50 26.64 -8.97
N VAL B 160 4.12 26.23 -7.75
CA VAL B 160 3.48 24.93 -7.57
C VAL B 160 2.13 24.90 -8.28
N ILE B 161 1.35 25.96 -8.16
CA ILE B 161 -0.03 25.93 -8.61
C ILE B 161 -0.11 25.72 -10.13
N HIS B 162 0.80 26.30 -10.91
CA HIS B 162 0.72 26.02 -12.35
C HIS B 162 1.51 24.78 -12.76
N LYS B 163 2.34 24.24 -11.88
CA LYS B 163 2.85 22.89 -12.13
C LYS B 163 1.75 21.84 -12.06
N MET B 164 0.61 22.17 -11.45
CA MET B 164 -0.52 21.27 -11.41
C MET B 164 -1.45 21.52 -12.59
C10 IVR C . -11.21 -26.74 -7.71
C13 IVR C . -12.88 -29.49 -10.17
C15 IVR C . -14.18 -29.45 -7.86
C02 IVR C . -9.70 -24.85 -11.59
C04 IVR C . -11.28 -23.04 -10.98
C06 IVR C . -11.46 -20.97 -12.36
C07 IVR C . -11.67 -23.81 -9.71
C08 IVR C . -11.09 -25.00 -9.46
C11 IVR C . -12.12 -27.83 -8.25
C12 IVR C . -11.95 -28.40 -9.65
C14 IVR C . -13.99 -30.01 -9.27
C16 IVR C . -13.24 -28.35 -7.34
C18 IVR C . -12.48 -24.58 -7.85
N03 IVR C . -10.30 -23.57 -11.86
N05 IVR C . -11.91 -21.77 -11.23
N09 IVR C . -11.59 -25.48 -8.33
N17 IVR C . -13.40 -27.81 -6.01
N19 IVR C . -12.53 -23.55 -8.72
N20 IVR C . -10.06 -25.59 -10.39
CL01 IVR C . -8.48 -25.55 -12.69
S SO4 D . 2.95 1.67 3.79
O1 SO4 D . 2.60 3.08 3.94
O2 SO4 D . 1.74 0.87 3.70
O3 SO4 D . 3.71 1.23 4.96
O4 SO4 D . 3.73 1.43 2.58
S SO4 E . -16.24 -23.40 6.71
O1 SO4 E . -17.55 -22.74 6.80
O2 SO4 E . -16.44 -24.79 6.31
O3 SO4 E . -15.44 -22.73 5.70
O4 SO4 E . -15.56 -23.36 8.00
S SO4 F . -7.77 -32.74 -13.21
O1 SO4 F . -8.27 -33.11 -11.89
O2 SO4 F . -8.80 -33.04 -14.21
O3 SO4 F . -7.48 -31.31 -13.25
O4 SO4 F . -6.56 -33.49 -13.51
C10 IVR G . 16.48 7.14 6.66
C13 IVR G . 19.60 4.64 6.06
C15 IVR G . 17.53 3.25 6.93
C02 IVR G . 19.31 10.51 5.58
C04 IVR G . 18.19 10.40 3.37
C06 IVR G . 18.75 11.96 1.50
C07 IVR G . 17.31 9.27 3.90
C08 IVR G . 17.48 8.84 5.17
C11 IVR G . 17.32 5.87 6.60
C12 IVR G . 18.77 5.91 6.13
C14 IVR G . 18.98 3.30 6.47
C16 IVR G . 16.69 4.53 6.99
C18 IVR G . 15.89 7.67 4.26
N03 IVR G . 19.17 10.97 4.23
N05 IVR G . 18.02 10.81 2.02
N09 IVR G . 16.60 7.86 5.39
N17 IVR G . 15.31 4.49 7.44
N19 IVR G . 16.32 8.55 3.34
N20 IVR G . 18.49 9.43 6.09
CL01 IVR G . 20.51 11.18 6.69
S SO4 H . 11.27 28.18 11.99
O1 SO4 H . 9.89 28.56 12.24
O2 SO4 H . 11.73 28.74 10.72
O3 SO4 H . 12.10 28.71 13.06
O4 SO4 H . 11.40 26.73 11.93
S SO4 I . 15.56 7.49 -15.07
O1 SO4 I . 14.55 6.69 -14.36
O2 SO4 I . 15.52 7.16 -16.49
O3 SO4 I . 16.87 7.19 -14.51
O4 SO4 I . 15.27 8.91 -14.89
S SO4 J . 11.75 9.56 16.30
O1 SO4 J . 11.48 10.70 17.18
O2 SO4 J . 10.49 9.04 15.75
O3 SO4 J . 12.61 9.98 15.22
O4 SO4 J . 12.42 8.52 17.09
#